data_6LXS
#
_entry.id   6LXS
#
_cell.length_a   48.485
_cell.length_b   76.837
_cell.length_c   79.625
_cell.angle_alpha   90.000
_cell.angle_beta   90.000
_cell.angle_gamma   90.000
#
_symmetry.space_group_name_H-M   'P 21 21 21'
#
loop_
_entity.id
_entity.type
_entity.pdbx_description
1 polymer 'Ser-Asp rich fibrinogen-binding, bone sialoprotein-binding protein'
2 non-polymer 'CALCIUM ION'
3 non-polymer GLYCEROL
4 water water
#
_entity_poly.entity_id   1
_entity_poly.type   'polypeptide(L)'
_entity_poly.pdbx_seq_one_letter_code
;APQQGTNVNDKVHFSNIDIAIDKGHVNQTTGKTEFWATSSDVLKLKANYTIDDSVKEGDTFTFKYGQYFRPGSVRLPSQT
QNLYNAQGNIIAKGIYDSTTNTTTYTFTNYVDQYTNVRGSFEQVAFAKRKNATTDKTAYKMEVTLGNDTYSEEIIVDYGN
KKAQPLISSTNYINNEDLSRNMTAYVNQPKNTYTKQTFVTNLTGYKFNPNAKNFKIYEVTDQNQFVDSFTPDTSKLKDVT
DQFDVIYSNDNKTATVDLMKGQTSSNKQYIIQQVAYPDNSSTDNGKIDYTLDTDKTKYSWSNSYSNVNGSSTANGDQKK
;
_entity_poly.pdbx_strand_id   A
#
loop_
_chem_comp.id
_chem_comp.type
_chem_comp.name
_chem_comp.formula
CA non-polymer 'CALCIUM ION' 'Ca 2'
GOL non-polymer GLYCEROL 'C3 H8 O3'
#
# COMPACT_ATOMS: atom_id res chain seq x y z
N GLY A 5 19.48 28.10 2.75
CA GLY A 5 18.82 27.89 1.44
C GLY A 5 17.54 28.67 1.23
N THR A 6 17.09 28.79 -0.02
CA THR A 6 15.88 29.42 -0.36
C THR A 6 14.97 28.35 -0.99
N ASN A 7 13.69 28.55 -0.83
CA ASN A 7 12.70 27.85 -1.57
C ASN A 7 12.74 28.32 -3.02
N VAL A 8 13.08 27.41 -3.93
CA VAL A 8 13.12 27.67 -5.40
C VAL A 8 12.07 26.91 -6.20
N ASN A 9 10.89 26.64 -5.62
CA ASN A 9 9.80 26.05 -6.40
C ASN A 9 9.49 26.83 -7.64
N ASP A 10 9.72 28.17 -7.66
CA ASP A 10 9.47 28.95 -8.80
C ASP A 10 10.58 28.96 -9.86
N LYS A 11 11.69 28.30 -9.58
CA LYS A 11 12.84 28.28 -10.42
C LYS A 11 13.22 26.87 -10.91
N VAL A 12 12.38 25.88 -10.57
CA VAL A 12 12.54 24.49 -11.06
C VAL A 12 11.22 24.20 -11.84
N HIS A 13 11.34 23.97 -13.14
CA HIS A 13 10.20 23.94 -14.03
C HIS A 13 10.02 22.51 -14.56
N PHE A 14 8.88 21.95 -14.31
CA PHE A 14 8.58 20.54 -14.70
C PHE A 14 7.63 20.51 -15.89
N SER A 15 7.85 19.57 -16.80
CA SER A 15 7.06 19.45 -18.01
C SER A 15 6.87 18.00 -18.32
N ASN A 16 6.01 17.71 -19.29
CA ASN A 16 5.75 16.32 -19.71
C ASN A 16 5.35 15.50 -18.51
N ILE A 17 4.66 16.08 -17.56
CA ILE A 17 4.26 15.33 -16.34
C ILE A 17 3.21 14.29 -16.73
N ASP A 18 3.36 13.05 -16.26
CA ASP A 18 2.33 12.01 -16.54
C ASP A 18 2.31 11.06 -15.31
N ILE A 19 1.16 10.46 -15.12
CA ILE A 19 0.95 9.35 -14.16
C ILE A 19 0.54 8.13 -15.02
N ALA A 20 1.40 7.12 -14.91
CA ALA A 20 1.15 5.89 -15.61
C ALA A 20 0.62 4.83 -14.67
N ILE A 21 -0.13 3.91 -15.26
CA ILE A 21 -0.56 2.67 -14.54
C ILE A 21 0.31 1.56 -15.11
N ASP A 22 1.06 0.89 -14.25
CA ASP A 22 2.01 -0.17 -14.70
C ASP A 22 1.65 -1.51 -14.03
N LYS A 23 1.08 -2.44 -14.77
CA LYS A 23 0.87 -2.38 -16.23
C LYS A 23 -0.52 -1.82 -16.57
N GLY A 24 -1.43 -1.91 -15.61
CA GLY A 24 -2.80 -1.49 -15.87
C GLY A 24 -3.61 -2.67 -16.37
N HIS A 25 -4.88 -2.67 -16.04
CA HIS A 25 -5.82 -3.67 -16.44
C HIS A 25 -6.97 -3.00 -17.19
N VAL A 26 -7.26 -3.46 -18.44
CA VAL A 26 -8.30 -2.88 -19.23
C VAL A 26 -9.59 -3.52 -18.85
N ASN A 27 -10.56 -2.69 -18.52
CA ASN A 27 -11.91 -3.10 -18.23
C ASN A 27 -12.53 -3.46 -19.62
N GLN A 28 -12.83 -4.73 -19.77
CA GLN A 28 -13.35 -5.23 -21.09
C GLN A 28 -14.76 -4.79 -21.41
N THR A 29 -15.46 -4.21 -20.45
CA THR A 29 -16.75 -3.56 -20.59
C THR A 29 -16.68 -2.11 -21.07
N THR A 30 -15.89 -1.25 -20.41
CA THR A 30 -15.84 0.18 -20.71
C THR A 30 -14.72 0.56 -21.69
N GLY A 31 -13.80 -0.34 -21.86
CA GLY A 31 -12.53 -0.20 -22.60
C GLY A 31 -11.44 0.63 -21.91
N LYS A 32 -11.71 1.11 -20.69
CA LYS A 32 -10.79 2.02 -19.96
C LYS A 32 -9.73 1.20 -19.25
N THR A 33 -8.57 1.82 -19.08
CA THR A 33 -7.44 1.21 -18.31
C THR A 33 -7.65 1.58 -16.87
N GLU A 34 -7.57 0.59 -16.01
CA GLU A 34 -7.80 0.69 -14.56
C GLU A 34 -6.54 0.30 -13.81
N PHE A 35 -6.54 0.74 -12.54
CA PHE A 35 -5.44 0.44 -11.58
C PHE A 35 -5.93 -0.64 -10.63
N TRP A 36 -5.45 -1.86 -10.81
CA TRP A 36 -5.91 -2.98 -9.94
C TRP A 36 -4.83 -3.22 -8.89
N ALA A 37 -4.97 -2.50 -7.79
CA ALA A 37 -3.94 -2.40 -6.76
C ALA A 37 -3.61 -3.73 -6.07
N THR A 38 -4.54 -4.68 -6.14
CA THR A 38 -4.34 -6.02 -5.57
C THR A 38 -4.26 -7.06 -6.68
N SER A 39 -3.93 -6.63 -7.91
CA SER A 39 -3.60 -7.54 -9.02
C SER A 39 -2.30 -7.07 -9.67
N SER A 40 -1.32 -6.72 -8.83
CA SER A 40 0.10 -6.43 -9.20
C SER A 40 0.41 -5.04 -9.79
N ASP A 41 -0.58 -4.19 -9.97
CA ASP A 41 -0.30 -2.89 -10.59
C ASP A 41 0.29 -1.92 -9.56
N VAL A 42 1.03 -0.95 -10.09
CA VAL A 42 1.49 0.24 -9.36
C VAL A 42 1.23 1.44 -10.27
N LEU A 43 1.38 2.61 -9.69
CA LEU A 43 1.41 3.84 -10.52
C LEU A 43 2.85 4.26 -10.73
N LYS A 44 3.07 5.11 -11.74
CA LYS A 44 4.35 5.72 -11.92
C LYS A 44 4.19 7.21 -12.22
N LEU A 45 4.94 8.03 -11.56
CA LEU A 45 5.01 9.45 -11.87
C LEU A 45 6.24 9.79 -12.66
N LYS A 46 6.10 10.48 -13.77
CA LYS A 46 7.25 10.83 -14.59
C LYS A 46 7.18 12.31 -15.00
N ALA A 47 8.37 12.95 -15.12
CA ALA A 47 8.49 14.31 -15.58
C ALA A 47 9.88 14.60 -16.01
N ASN A 48 10.05 15.62 -16.87
CA ASN A 48 11.32 16.26 -17.09
C ASN A 48 11.30 17.65 -16.38
N TYR A 49 12.52 18.13 -16.22
CA TYR A 49 12.70 19.42 -15.57
C TYR A 49 13.86 20.21 -16.08
N THR A 50 13.75 21.55 -15.86
CA THR A 50 14.86 22.47 -16.09
C THR A 50 15.05 23.27 -14.74
N ILE A 51 16.25 23.75 -14.52
CA ILE A 51 16.61 24.47 -13.29
C ILE A 51 17.21 25.80 -13.68
N ASP A 52 16.63 26.90 -13.21
CA ASP A 52 17.25 28.22 -13.47
C ASP A 52 18.66 28.28 -12.91
N ASP A 53 19.49 29.08 -13.57
CA ASP A 53 20.90 29.17 -13.20
C ASP A 53 21.15 29.82 -11.84
N SER A 54 20.21 30.58 -11.38
CA SER A 54 20.37 31.21 -10.05
C SER A 54 20.23 30.25 -8.90
N VAL A 55 19.75 29.00 -9.16
CA VAL A 55 19.62 28.02 -8.10
C VAL A 55 20.98 27.54 -7.71
N LYS A 56 21.19 27.36 -6.37
CA LYS A 56 22.40 26.96 -5.78
C LYS A 56 22.21 25.80 -4.77
N GLU A 57 23.32 25.16 -4.49
CA GLU A 57 23.42 24.13 -3.50
C GLU A 57 22.71 24.61 -2.24
N GLY A 58 21.83 23.78 -1.68
CA GLY A 58 21.09 24.08 -0.46
C GLY A 58 19.72 24.62 -0.66
N ASP A 59 19.39 25.08 -1.88
CA ASP A 59 18.06 25.55 -2.19
C ASP A 59 17.12 24.35 -2.20
N THR A 60 15.87 24.64 -1.93
CA THR A 60 14.85 23.57 -1.74
C THR A 60 13.72 23.63 -2.66
N PHE A 61 13.06 22.47 -2.91
CA PHE A 61 11.86 22.50 -3.68
C PHE A 61 11.00 21.28 -3.20
N THR A 62 9.73 21.31 -3.56
CA THR A 62 8.81 20.24 -3.04
C THR A 62 8.11 19.50 -4.13
N PHE A 63 7.77 18.25 -3.84
CA PHE A 63 6.73 17.48 -4.51
C PHE A 63 5.60 17.32 -3.48
N LYS A 64 4.49 17.90 -3.73
CA LYS A 64 3.32 17.82 -2.87
C LYS A 64 2.33 16.85 -3.58
N TYR A 65 2.05 15.77 -2.92
CA TYR A 65 1.10 14.76 -3.42
C TYR A 65 -0.29 15.01 -2.85
N GLY A 66 -1.29 14.73 -3.67
CA GLY A 66 -2.70 15.01 -3.36
C GLY A 66 -3.36 14.01 -2.47
N GLN A 67 -4.66 14.23 -2.26
CA GLN A 67 -5.23 13.41 -1.21
C GLN A 67 -5.40 11.92 -1.57
N TYR A 68 -5.38 11.57 -2.85
CA TYR A 68 -5.54 10.17 -3.20
C TYR A 68 -4.30 9.49 -3.70
N PHE A 69 -3.18 10.21 -3.69
CA PHE A 69 -1.95 9.75 -4.39
C PHE A 69 -0.81 9.83 -3.45
N ARG A 70 0.14 8.92 -3.52
CA ARG A 70 1.36 8.99 -2.72
C ARG A 70 2.52 8.34 -3.50
N PRO A 71 3.75 8.66 -3.11
CA PRO A 71 4.86 7.88 -3.63
C PRO A 71 4.92 6.52 -2.96
N GLY A 72 5.72 5.60 -3.50
CA GLY A 72 5.80 4.24 -3.04
C GLY A 72 4.97 3.33 -3.79
N SER A 73 5.02 2.04 -3.38
CA SER A 73 4.31 0.94 -4.05
C SER A 73 3.35 0.34 -3.01
N VAL A 74 3.15 -1.00 -3.11
CA VAL A 74 2.56 -1.68 -1.94
C VAL A 74 3.40 -1.42 -0.68
N ARG A 75 4.69 -1.23 -0.94
CA ARG A 75 5.65 -0.87 0.14
C ARG A 75 5.59 0.64 0.37
N LEU A 76 5.42 1.03 1.62
CA LEU A 76 5.37 2.44 1.91
C LEU A 76 6.65 3.17 1.49
N PRO A 77 6.51 4.45 1.12
CA PRO A 77 7.69 5.17 0.61
C PRO A 77 8.75 5.39 1.65
N SER A 78 10.01 5.33 1.19
CA SER A 78 11.10 5.67 2.06
C SER A 78 11.01 7.10 2.54
N GLN A 79 11.51 7.36 3.76
CA GLN A 79 11.59 8.72 4.25
C GLN A 79 12.62 9.50 3.41
N THR A 80 13.62 8.82 2.93
CA THR A 80 14.66 9.48 2.18
C THR A 80 14.49 9.18 0.68
N GLN A 81 14.60 10.21 -0.14
CA GLN A 81 14.26 10.19 -1.54
C GLN A 81 15.36 10.90 -2.37
N ASN A 82 16.17 10.17 -3.14
CA ASN A 82 17.19 10.80 -4.00
C ASN A 82 16.64 11.09 -5.40
N LEU A 83 17.08 12.20 -5.97
CA LEU A 83 16.91 12.48 -7.37
C LEU A 83 18.30 12.49 -8.04
N TYR A 84 18.45 11.73 -9.11
CA TYR A 84 19.69 11.57 -9.82
C TYR A 84 19.73 12.35 -11.13
N ASN A 85 20.91 12.91 -11.44
CA ASN A 85 21.12 13.54 -12.74
C ASN A 85 21.43 12.41 -13.77
N ALA A 86 21.55 12.80 -15.05
CA ALA A 86 21.73 11.80 -16.12
C ALA A 86 23.09 11.15 -16.02
N GLN A 87 24.03 11.75 -15.34
CA GLN A 87 25.32 11.16 -15.09
C GLN A 87 25.34 10.25 -13.90
N GLY A 88 24.25 10.13 -13.18
CA GLY A 88 24.23 9.24 -12.05
C GLY A 88 24.62 9.81 -10.71
N ASN A 89 24.81 11.10 -10.66
CA ASN A 89 25.10 11.77 -9.38
C ASN A 89 23.83 12.29 -8.77
N ILE A 90 23.82 12.39 -7.44
CA ILE A 90 22.65 12.84 -6.75
C ILE A 90 22.55 14.34 -6.84
N ILE A 91 21.53 14.81 -7.53
CA ILE A 91 21.31 16.28 -7.67
C ILE A 91 20.54 16.84 -6.49
N ALA A 92 19.69 16.01 -5.87
CA ALA A 92 18.87 16.55 -4.75
C ALA A 92 18.58 15.43 -3.81
N LYS A 93 18.62 15.75 -2.51
CA LYS A 93 18.26 14.79 -1.49
C LYS A 93 16.96 15.24 -0.85
N GLY A 94 16.02 14.29 -0.79
CA GLY A 94 14.68 14.58 -0.33
C GLY A 94 14.31 13.88 0.98
N ILE A 95 13.39 14.52 1.67
CA ILE A 95 12.76 13.96 2.89
C ILE A 95 11.29 13.97 2.66
N TYR A 96 10.69 12.73 2.68
CA TYR A 96 9.25 12.61 2.54
C TYR A 96 8.59 12.56 3.93
N ASP A 97 7.55 13.34 4.07
CA ASP A 97 6.77 13.43 5.34
C ASP A 97 5.40 12.89 4.99
N SER A 98 5.05 11.76 5.61
CA SER A 98 3.74 11.18 5.35
C SER A 98 2.60 12.01 5.91
N THR A 99 2.83 12.74 6.98
CA THR A 99 1.75 13.62 7.54
C THR A 99 1.34 14.73 6.60
N THR A 100 2.26 15.27 5.80
CA THR A 100 1.90 16.30 4.86
C THR A 100 1.90 15.80 3.41
N ASN A 101 2.18 14.50 3.24
CA ASN A 101 2.28 13.90 1.88
C ASN A 101 3.13 14.75 0.93
N THR A 102 4.29 15.15 1.43
CA THR A 102 5.21 16.07 0.72
C THR A 102 6.65 15.64 0.89
N THR A 103 7.37 15.63 -0.23
CA THR A 103 8.80 15.49 -0.20
C THR A 103 9.43 16.87 -0.39
N THR A 104 10.35 17.18 0.54
CA THR A 104 11.18 18.37 0.43
C THR A 104 12.58 17.92 0.01
N TYR A 105 12.96 18.42 -1.17
CA TYR A 105 14.25 18.17 -1.72
C TYR A 105 15.21 19.37 -1.47
N THR A 106 16.44 19.03 -1.22
CA THR A 106 17.55 20.02 -1.04
C THR A 106 18.60 19.73 -2.13
N PHE A 107 18.91 20.73 -2.94
CA PHE A 107 19.91 20.55 -3.98
C PHE A 107 21.33 20.35 -3.44
N THR A 108 22.05 19.44 -4.05
CA THR A 108 23.46 19.21 -3.75
C THR A 108 24.37 20.11 -4.52
N ASN A 109 25.68 19.96 -4.29
CA ASN A 109 26.64 20.70 -5.08
C ASN A 109 26.52 20.46 -6.58
N TYR A 110 25.92 19.33 -6.95
CA TYR A 110 25.80 18.98 -8.32
C TYR A 110 24.92 19.98 -9.08
N VAL A 111 24.03 20.75 -8.41
CA VAL A 111 23.26 21.70 -9.13
C VAL A 111 24.09 22.85 -9.63
N ASP A 112 25.31 23.04 -9.07
CA ASP A 112 26.23 24.11 -9.46
C ASP A 112 27.31 23.63 -10.42
N GLN A 113 27.24 22.40 -10.88
CA GLN A 113 28.28 21.80 -11.72
C GLN A 113 28.13 22.41 -13.14
N TYR A 114 26.92 22.69 -13.54
CA TYR A 114 26.66 23.12 -14.94
C TYR A 114 25.65 24.22 -14.90
N THR A 115 25.69 25.01 -15.98
CA THR A 115 24.60 25.89 -16.27
C THR A 115 23.50 25.15 -17.10
N ASN A 116 22.29 25.70 -17.10
CA ASN A 116 21.20 25.20 -17.97
C ASN A 116 20.98 23.69 -17.70
N VAL A 117 20.92 23.40 -16.41
CA VAL A 117 20.74 22.03 -15.87
C VAL A 117 19.39 21.46 -16.28
N ARG A 118 19.39 20.18 -16.64
CA ARG A 118 18.16 19.50 -17.11
C ARG A 118 18.17 18.05 -16.60
N GLY A 119 17.02 17.59 -16.12
CA GLY A 119 16.88 16.23 -15.60
C GLY A 119 15.51 15.64 -15.87
N SER A 120 15.34 14.38 -15.48
CA SER A 120 14.04 13.69 -15.62
C SER A 120 13.98 12.60 -14.56
N PHE A 121 12.81 12.13 -14.29
CA PHE A 121 12.72 11.05 -13.29
C PHE A 121 11.45 10.25 -13.51
N GLU A 122 11.48 9.01 -13.05
CA GLU A 122 10.30 8.19 -12.99
C GLU A 122 10.26 7.65 -11.56
N GLN A 123 9.12 7.77 -10.88
CA GLN A 123 9.04 7.37 -9.47
C GLN A 123 7.83 6.46 -9.33
N VAL A 124 7.95 5.31 -8.66
CA VAL A 124 6.81 4.47 -8.43
C VAL A 124 5.90 5.18 -7.37
N ALA A 125 4.64 5.02 -7.57
CA ALA A 125 3.62 5.68 -6.79
C ALA A 125 2.41 4.78 -6.65
N PHE A 126 1.43 5.24 -5.83
CA PHE A 126 0.32 4.35 -5.43
C PHE A 126 -0.86 5.17 -5.05
N ALA A 127 -1.99 4.52 -4.88
CA ALA A 127 -3.15 5.18 -4.18
C ALA A 127 -2.85 5.32 -2.70
N LYS A 128 -3.34 6.42 -2.16
CA LYS A 128 -3.36 6.63 -0.73
C LYS A 128 -4.60 5.86 -0.23
N ARG A 129 -4.38 4.64 0.24
CA ARG A 129 -5.41 3.67 0.50
C ARG A 129 -6.34 4.09 1.64
N LYS A 130 -5.84 4.88 2.59
CA LYS A 130 -6.73 5.26 3.65
C LYS A 130 -7.77 6.27 3.13
N ASN A 131 -7.55 7.00 2.04
CA ASN A 131 -8.47 7.98 1.40
C ASN A 131 -9.21 7.50 0.16
N ALA A 132 -8.52 6.80 -0.73
CA ALA A 132 -9.12 6.25 -1.95
C ALA A 132 -9.65 4.91 -1.56
N THR A 133 -10.81 4.88 -0.89
CA THR A 133 -11.23 3.69 -0.18
C THR A 133 -12.06 2.69 -0.93
N THR A 134 -12.67 3.11 -2.03
CA THR A 134 -13.77 2.43 -2.59
C THR A 134 -13.51 1.94 -4.03
N ASP A 135 -13.91 0.70 -4.30
CA ASP A 135 -13.66 0.03 -5.59
C ASP A 135 -14.44 0.68 -6.76
N LYS A 136 -13.87 0.59 -7.94
CA LYS A 136 -14.60 0.97 -9.19
C LYS A 136 -14.97 2.43 -9.19
N THR A 137 -14.12 3.23 -8.60
CA THR A 137 -14.26 4.64 -8.43
C THR A 137 -13.04 5.38 -9.01
N ALA A 138 -13.35 6.43 -9.79
CA ALA A 138 -12.35 7.30 -10.36
C ALA A 138 -11.91 8.32 -9.32
N TYR A 139 -10.62 8.35 -9.05
CA TYR A 139 -10.01 9.31 -8.15
C TYR A 139 -9.06 10.21 -8.88
N LYS A 140 -9.14 11.52 -8.62
CA LYS A 140 -8.15 12.47 -9.08
C LYS A 140 -6.83 12.22 -8.41
N MET A 141 -5.85 11.80 -9.19
CA MET A 141 -4.47 11.66 -8.70
C MET A 141 -3.69 12.94 -9.09
N GLU A 142 -3.24 13.62 -8.05
CA GLU A 142 -2.72 14.99 -8.18
C GLU A 142 -1.32 15.10 -7.52
N VAL A 143 -0.46 15.91 -8.16
CA VAL A 143 0.81 16.26 -7.64
C VAL A 143 1.14 17.71 -8.07
N THR A 144 1.85 18.38 -7.18
CA THR A 144 2.48 19.67 -7.54
C THR A 144 3.97 19.53 -7.40
N LEU A 145 4.66 19.66 -8.55
CA LEU A 145 6.12 19.54 -8.59
C LEU A 145 6.70 20.97 -8.75
N GLY A 146 7.43 21.41 -7.76
CA GLY A 146 7.75 22.86 -7.68
C GLY A 146 6.44 23.63 -7.58
N ASN A 147 6.13 24.50 -8.53
CA ASN A 147 4.80 25.14 -8.65
C ASN A 147 3.97 24.57 -9.77
N ASP A 148 4.43 23.48 -10.39
CA ASP A 148 3.70 22.90 -11.54
C ASP A 148 2.73 21.81 -11.07
N THR A 149 1.44 22.05 -11.25
CA THR A 149 0.43 21.02 -10.84
C THR A 149 0.02 20.15 -12.04
N TYR A 150 -0.17 18.88 -11.73
CA TYR A 150 -0.68 17.91 -12.71
C TYR A 150 -1.68 17.00 -12.02
N SER A 151 -2.68 16.61 -12.77
CA SER A 151 -3.60 15.56 -12.26
C SER A 151 -4.24 14.80 -13.41
N GLU A 152 -4.59 13.55 -13.13
CA GLU A 152 -5.42 12.79 -14.02
C GLU A 152 -6.29 11.84 -13.17
N GLU A 153 -7.44 11.48 -13.74
CA GLU A 153 -8.37 10.56 -13.08
C GLU A 153 -7.92 9.15 -13.27
N ILE A 154 -7.84 8.37 -12.17
CA ILE A 154 -7.43 6.95 -12.23
C ILE A 154 -8.56 6.20 -11.54
N ILE A 155 -9.10 5.22 -12.24
CA ILE A 155 -10.14 4.29 -11.65
C ILE A 155 -9.34 3.22 -10.90
N VAL A 156 -9.64 3.11 -9.61
CA VAL A 156 -9.00 2.14 -8.74
C VAL A 156 -9.98 0.99 -8.44
N ASP A 157 -9.48 -0.24 -8.50
CA ASP A 157 -10.27 -1.40 -8.03
C ASP A 157 -9.34 -2.31 -7.21
N TYR A 158 -9.67 -2.42 -5.94
CA TYR A 158 -8.95 -3.31 -5.07
C TYR A 158 -9.55 -4.72 -5.09
N GLY A 159 -10.69 -4.92 -5.70
CA GLY A 159 -11.22 -6.29 -5.78
C GLY A 159 -11.79 -6.79 -4.45
N ASN A 160 -12.35 -5.93 -3.62
CA ASN A 160 -13.04 -6.37 -2.42
C ASN A 160 -14.45 -6.96 -2.74
N LYS A 161 -14.50 -8.25 -2.87
CA LYS A 161 -15.72 -8.94 -3.33
C LYS A 161 -16.59 -9.16 -2.07
N LYS A 162 -17.55 -8.29 -1.87
CA LYS A 162 -18.37 -8.23 -0.66
C LYS A 162 -19.21 -9.52 -0.37
N ALA A 163 -19.48 -10.35 -1.38
CA ALA A 163 -20.22 -11.53 -1.17
C ALA A 163 -19.38 -12.65 -0.61
N GLN A 164 -18.05 -12.40 -0.48
CA GLN A 164 -17.17 -13.48 0.02
C GLN A 164 -17.09 -13.51 1.50
N PRO A 165 -17.28 -14.69 2.15
CA PRO A 165 -17.14 -14.78 3.58
C PRO A 165 -15.69 -14.55 4.09
N LEU A 166 -14.73 -14.81 3.25
CA LEU A 166 -13.29 -14.63 3.57
C LEU A 166 -12.63 -13.94 2.39
N ILE A 167 -11.93 -12.80 2.64
CA ILE A 167 -11.10 -12.15 1.61
C ILE A 167 -9.98 -11.46 2.34
N SER A 168 -8.80 -11.43 1.74
CA SER A 168 -7.63 -10.82 2.39
C SER A 168 -6.80 -10.07 1.38
N SER A 169 -6.05 -9.11 1.90
CA SER A 169 -5.16 -8.31 1.08
C SER A 169 -3.99 -7.88 1.84
N THR A 170 -2.92 -7.45 1.16
CA THR A 170 -1.84 -6.75 1.81
C THR A 170 -2.22 -5.30 2.04
N ASN A 171 -2.25 -4.80 3.27
CA ASN A 171 -2.51 -3.41 3.59
C ASN A 171 -1.28 -2.60 3.15
N TYR A 172 -0.13 -3.01 3.63
CA TYR A 172 1.13 -2.39 3.17
C TYR A 172 2.26 -3.26 3.56
N ILE A 173 3.39 -3.04 2.87
CA ILE A 173 4.68 -3.62 3.25
C ILE A 173 5.51 -2.53 3.93
N ASN A 174 6.07 -2.85 5.10
CA ASN A 174 6.86 -1.85 5.86
C ASN A 174 8.20 -1.67 5.16
N ASN A 175 8.54 -0.39 4.92
CA ASN A 175 9.76 -0.09 4.19
C ASN A 175 11.06 -0.43 4.94
N GLU A 176 11.00 -0.51 6.25
CA GLU A 176 12.19 -0.77 7.06
C GLU A 176 12.48 -2.25 7.29
N ASP A 177 11.46 -3.05 7.59
CA ASP A 177 11.70 -4.45 7.76
C ASP A 177 11.08 -5.40 6.79
N LEU A 178 10.40 -4.84 5.78
CA LEU A 178 9.77 -5.58 4.67
C LEU A 178 8.66 -6.54 5.16
N SER A 179 8.16 -6.25 6.36
CA SER A 179 7.06 -7.07 6.88
C SER A 179 5.81 -6.83 6.09
N ARG A 180 5.04 -7.91 5.93
CA ARG A 180 3.73 -7.81 5.28
C ARG A 180 2.71 -7.50 6.35
N ASN A 181 2.02 -6.38 6.21
CA ASN A 181 0.98 -5.91 7.13
C ASN A 181 -0.34 -6.22 6.40
N MET A 182 -1.07 -7.23 6.94
CA MET A 182 -2.16 -7.84 6.22
C MET A 182 -3.52 -7.40 6.84
N THR A 183 -4.54 -7.45 5.98
CA THR A 183 -5.91 -7.25 6.41
C THR A 183 -6.72 -8.38 5.86
N ALA A 184 -7.48 -9.05 6.73
CA ALA A 184 -8.44 -10.06 6.32
C ALA A 184 -9.85 -9.61 6.81
N TYR A 185 -10.81 -9.80 5.91
CA TYR A 185 -12.22 -9.46 6.26
C TYR A 185 -13.00 -10.76 6.35
N VAL A 186 -13.62 -10.92 7.52
CA VAL A 186 -14.38 -12.21 7.81
C VAL A 186 -15.85 -11.85 7.95
N ASN A 187 -16.64 -12.50 7.12
CA ASN A 187 -18.12 -12.43 7.23
C ASN A 187 -18.67 -11.09 6.79
N GLN A 188 -18.12 -10.52 5.73
CA GLN A 188 -18.77 -9.30 5.16
C GLN A 188 -20.25 -9.51 4.85
N PRO A 189 -20.70 -10.71 4.42
CA PRO A 189 -22.15 -10.91 4.18
C PRO A 189 -23.05 -11.04 5.41
N LYS A 190 -22.45 -11.16 6.57
CA LYS A 190 -23.13 -11.26 7.83
C LYS A 190 -24.03 -12.49 7.82
N ASN A 191 -23.45 -13.59 7.45
CA ASN A 191 -24.11 -14.89 7.67
C ASN A 191 -23.95 -15.34 9.11
N THR A 192 -24.73 -16.39 9.47
CA THR A 192 -24.73 -17.01 10.77
C THR A 192 -24.00 -18.34 10.72
N TYR A 193 -23.05 -18.49 11.62
CA TYR A 193 -22.24 -19.73 11.66
C TYR A 193 -22.24 -20.33 13.05
N THR A 194 -21.95 -21.64 13.10
CA THR A 194 -21.67 -22.34 14.33
C THR A 194 -20.25 -22.85 14.40
N LYS A 195 -19.52 -22.83 13.27
CA LYS A 195 -18.12 -23.16 13.18
C LYS A 195 -17.44 -22.05 12.38
N GLN A 196 -16.27 -21.55 12.85
CA GLN A 196 -15.55 -20.50 12.16
C GLN A 196 -14.08 -20.60 12.53
N THR A 197 -13.37 -21.48 11.91
CA THR A 197 -11.94 -21.69 12.24
C THR A 197 -11.15 -20.87 11.22
N PHE A 198 -10.46 -19.82 11.69
CA PHE A 198 -9.67 -18.90 10.82
C PHE A 198 -8.20 -19.27 10.89
N VAL A 199 -7.63 -19.72 9.80
CA VAL A 199 -6.23 -20.21 9.75
C VAL A 199 -5.44 -19.37 8.78
N THR A 200 -4.21 -18.98 9.15
CA THR A 200 -3.29 -18.31 8.26
C THR A 200 -1.98 -19.12 8.20
N ASN A 201 -1.51 -19.39 7.00
CA ASN A 201 -0.28 -20.19 6.82
C ASN A 201 0.67 -19.39 5.94
N LEU A 202 1.87 -19.15 6.48
CA LEU A 202 2.90 -18.34 5.87
C LEU A 202 3.98 -19.22 5.17
N THR A 203 4.38 -18.79 4.01
CA THR A 203 5.52 -19.40 3.23
C THR A 203 6.48 -18.24 3.04
N GLY A 204 7.69 -18.29 3.66
CA GLY A 204 8.66 -17.26 3.54
C GLY A 204 8.66 -16.21 4.58
N TYR A 205 7.69 -16.32 5.50
CA TYR A 205 7.55 -15.36 6.60
C TYR A 205 7.22 -16.11 7.90
N LYS A 206 7.36 -15.39 8.99
CA LYS A 206 6.92 -15.83 10.31
C LYS A 206 6.17 -14.75 11.00
N PHE A 207 5.25 -15.15 11.89
CA PHE A 207 4.65 -14.29 12.85
C PHE A 207 5.60 -14.13 14.08
N ASN A 208 5.41 -13.04 14.80
CA ASN A 208 6.04 -12.83 16.09
C ASN A 208 5.00 -12.64 17.16
N PRO A 209 4.69 -13.75 17.85
CA PRO A 209 3.64 -13.68 18.90
C PRO A 209 3.87 -12.65 20.01
N ASN A 210 5.14 -12.51 20.40
CA ASN A 210 5.46 -11.56 21.47
C ASN A 210 5.31 -10.14 21.10
N ALA A 211 5.28 -9.82 19.78
CA ALA A 211 5.03 -8.47 19.37
C ALA A 211 3.60 -8.00 19.54
N LYS A 212 2.65 -8.91 19.81
CA LYS A 212 1.27 -8.50 20.04
C LYS A 212 0.70 -7.58 18.95
N ASN A 213 0.81 -8.05 17.67
CA ASN A 213 0.34 -7.31 16.56
C ASN A 213 -0.57 -8.14 15.66
N PHE A 214 -1.09 -9.20 16.21
CA PHE A 214 -2.19 -10.01 15.61
C PHE A 214 -3.46 -9.48 16.23
N LYS A 215 -4.19 -8.66 15.49
CA LYS A 215 -5.31 -7.91 16.00
C LYS A 215 -6.61 -8.33 15.40
N ILE A 216 -7.61 -8.43 16.25
CA ILE A 216 -9.00 -8.78 15.82
C ILE A 216 -9.94 -7.68 16.25
N TYR A 217 -10.59 -7.10 15.25
CA TYR A 217 -11.58 -6.02 15.45
C TYR A 217 -12.95 -6.47 15.05
N GLU A 218 -13.97 -6.17 15.91
CA GLU A 218 -15.33 -6.49 15.67
C GLU A 218 -15.94 -5.29 14.91
N VAL A 219 -16.53 -5.60 13.80
CA VAL A 219 -17.18 -4.59 12.97
C VAL A 219 -18.57 -4.32 13.53
N THR A 220 -18.88 -3.03 13.63
CA THR A 220 -20.19 -2.59 14.12
C THR A 220 -20.91 -1.80 13.03
N ASP A 221 -20.28 -1.57 11.90
CA ASP A 221 -20.87 -0.73 10.81
C ASP A 221 -20.30 -1.22 9.50
N GLN A 222 -21.17 -1.65 8.59
CA GLN A 222 -20.68 -2.23 7.33
C GLN A 222 -19.70 -1.32 6.54
N ASN A 223 -19.76 0.01 6.71
CA ASN A 223 -18.86 0.89 6.03
C ASN A 223 -17.40 0.75 6.51
N GLN A 224 -17.20 0.15 7.72
CA GLN A 224 -15.83 -0.07 8.23
C GLN A 224 -15.04 -1.01 7.28
N PHE A 225 -15.72 -1.87 6.51
CA PHE A 225 -15.10 -2.75 5.53
C PHE A 225 -14.69 -1.97 4.25
N VAL A 226 -13.68 -1.10 4.40
CA VAL A 226 -13.27 -0.27 3.26
C VAL A 226 -12.65 -1.21 2.20
N ASP A 227 -12.97 -0.96 0.96
CA ASP A 227 -12.49 -1.80 -0.15
C ASP A 227 -10.97 -1.78 -0.30
N SER A 228 -10.33 -0.71 0.16
CA SER A 228 -8.89 -0.63 0.10
C SER A 228 -8.14 -1.48 1.05
N PHE A 229 -8.80 -2.11 1.97
CA PHE A 229 -8.14 -2.98 2.98
C PHE A 229 -7.24 -2.20 3.87
N THR A 230 -7.48 -0.88 3.98
CA THR A 230 -6.74 -0.01 4.93
C THR A 230 -7.78 0.71 5.79
N PRO A 231 -8.44 -0.04 6.70
CA PRO A 231 -9.45 0.51 7.57
C PRO A 231 -8.82 1.37 8.72
N ASP A 232 -9.59 2.25 9.34
CA ASP A 232 -9.12 3.09 10.40
C ASP A 232 -9.40 2.36 11.68
N THR A 233 -8.36 1.67 12.17
CA THR A 233 -8.51 0.78 13.28
C THR A 233 -8.74 1.54 14.58
N SER A 234 -8.36 2.82 14.60
CA SER A 234 -8.59 3.62 15.79
C SER A 234 -10.10 3.72 16.11
N LYS A 235 -10.99 3.54 15.15
CA LYS A 235 -12.42 3.69 15.28
C LYS A 235 -13.11 2.35 15.54
N LEU A 236 -12.34 1.25 15.59
CA LEU A 236 -12.91 -0.05 15.75
C LEU A 236 -12.75 -0.59 17.09
N LYS A 237 -13.59 -1.57 17.40
CA LYS A 237 -13.52 -2.21 18.69
C LYS A 237 -12.54 -3.42 18.63
N ASP A 238 -11.48 -3.27 19.40
CA ASP A 238 -10.37 -4.23 19.51
C ASP A 238 -10.77 -5.36 20.46
N VAL A 239 -11.07 -6.54 19.92
CA VAL A 239 -11.53 -7.69 20.72
C VAL A 239 -10.48 -8.76 20.78
N THR A 240 -9.21 -8.48 20.41
CA THR A 240 -8.21 -9.51 20.30
C THR A 240 -8.06 -10.44 21.55
N ASP A 241 -8.14 -9.83 22.74
CA ASP A 241 -7.86 -10.61 23.94
C ASP A 241 -8.99 -11.63 24.30
N GLN A 242 -10.11 -11.55 23.56
CA GLN A 242 -11.15 -12.48 23.68
C GLN A 242 -10.96 -13.77 22.96
N PHE A 243 -9.90 -13.87 22.16
CA PHE A 243 -9.68 -15.06 21.35
C PHE A 243 -8.37 -15.72 21.65
N ASP A 244 -8.32 -17.03 21.41
CA ASP A 244 -7.09 -17.78 21.64
C ASP A 244 -6.41 -18.03 20.30
N VAL A 245 -5.38 -17.26 20.02
CA VAL A 245 -4.61 -17.49 18.77
C VAL A 245 -3.54 -18.52 19.00
N ILE A 246 -3.62 -19.62 18.30
CA ILE A 246 -2.79 -20.79 18.49
C ILE A 246 -1.73 -20.79 17.37
N TYR A 247 -0.43 -20.70 17.74
CA TYR A 247 0.67 -20.72 16.77
C TYR A 247 1.17 -22.14 16.62
N SER A 248 1.58 -22.49 15.42
CA SER A 248 2.16 -23.74 15.08
C SER A 248 3.22 -23.58 13.93
N ASN A 249 3.96 -24.66 13.68
CA ASN A 249 4.96 -24.72 12.58
C ASN A 249 5.98 -23.60 12.73
N ASP A 250 6.59 -23.51 13.91
CA ASP A 250 7.59 -22.51 14.14
C ASP A 250 7.13 -21.10 13.79
N ASN A 251 5.91 -20.81 14.22
CA ASN A 251 5.28 -19.46 14.07
C ASN A 251 4.93 -19.16 12.60
N LYS A 252 4.72 -20.18 11.79
CA LYS A 252 4.35 -19.92 10.38
C LYS A 252 2.83 -20.13 10.23
N THR A 253 2.19 -20.65 11.26
CA THR A 253 0.75 -20.94 11.18
C THR A 253 0.06 -20.39 12.37
N ALA A 254 -1.06 -19.71 12.15
CA ALA A 254 -1.87 -19.20 13.26
C ALA A 254 -3.32 -19.72 13.06
N THR A 255 -3.91 -20.23 14.13
CA THR A 255 -5.28 -20.79 14.11
C THR A 255 -6.09 -20.09 15.17
N VAL A 256 -7.28 -19.63 14.81
CA VAL A 256 -8.20 -19.03 15.81
C VAL A 256 -9.65 -19.43 15.57
N ASP A 257 -10.29 -19.83 16.63
CA ASP A 257 -11.73 -20.17 16.60
C ASP A 257 -12.43 -18.84 16.84
N LEU A 258 -13.06 -18.31 15.78
CA LEU A 258 -13.76 -17.02 15.87
C LEU A 258 -15.14 -17.19 16.52
N MET A 259 -15.54 -18.39 16.87
CA MET A 259 -16.83 -18.53 17.62
C MET A 259 -16.72 -18.06 19.04
N LYS A 260 -15.51 -18.11 19.59
CA LYS A 260 -15.15 -17.83 20.99
C LYS A 260 -16.23 -18.18 21.93
N GLY A 261 -16.42 -19.48 21.95
CA GLY A 261 -17.20 -20.11 22.98
C GLY A 261 -18.68 -19.91 22.77
N GLN A 262 -19.12 -19.18 21.74
CA GLN A 262 -20.54 -18.96 21.47
C GLN A 262 -21.12 -20.09 20.59
N THR A 263 -22.38 -20.43 20.80
CA THR A 263 -23.04 -21.49 20.03
C THR A 263 -23.36 -21.14 18.57
N SER A 264 -23.55 -19.84 18.28
CA SER A 264 -23.95 -19.35 16.96
C SER A 264 -23.39 -17.92 16.93
N SER A 265 -23.03 -17.46 15.72
CA SER A 265 -22.47 -16.08 15.61
C SER A 265 -22.76 -15.57 14.24
N ASN A 266 -23.19 -14.30 14.15
CA ASN A 266 -23.18 -13.56 12.87
C ASN A 266 -22.29 -12.31 13.05
N LYS A 267 -21.31 -12.38 13.91
CA LYS A 267 -20.34 -11.30 14.11
C LYS A 267 -19.43 -11.25 12.86
N GLN A 268 -18.95 -10.05 12.63
CA GLN A 268 -18.10 -9.74 11.46
C GLN A 268 -16.82 -9.18 12.04
N TYR A 269 -15.73 -9.52 11.34
CA TYR A 269 -14.40 -9.12 11.87
C TYR A 269 -13.42 -8.64 10.80
N ILE A 270 -12.62 -7.68 11.23
CA ILE A 270 -11.41 -7.27 10.52
C ILE A 270 -10.22 -7.76 11.32
N ILE A 271 -9.32 -8.47 10.67
CA ILE A 271 -8.13 -9.05 11.30
C ILE A 271 -6.93 -8.45 10.63
N GLN A 272 -6.01 -7.98 11.45
CA GLN A 272 -4.72 -7.48 10.93
C GLN A 272 -3.58 -8.23 11.52
N GLN A 273 -2.56 -8.50 10.70
CA GLN A 273 -1.41 -9.35 11.05
C GLN A 273 -0.13 -8.72 10.49
N VAL A 274 0.98 -9.15 11.09
CA VAL A 274 2.33 -8.77 10.66
C VAL A 274 3.15 -10.02 10.43
N ALA A 275 3.62 -10.23 9.19
CA ALA A 275 4.36 -11.39 8.79
C ALA A 275 5.79 -10.91 8.35
N TYR A 276 6.81 -11.44 9.01
CA TYR A 276 8.21 -11.01 8.78
C TYR A 276 8.98 -11.92 7.88
N PRO A 277 9.72 -11.36 6.89
CA PRO A 277 10.48 -12.23 6.05
C PRO A 277 11.48 -13.10 6.79
N ASP A 278 11.66 -14.30 6.33
CA ASP A 278 12.65 -15.22 6.94
C ASP A 278 14.09 -14.67 6.90
N ASN A 279 14.45 -13.96 5.85
CA ASN A 279 15.82 -13.36 5.79
C ASN A 279 15.86 -12.10 4.97
N SER A 280 17.07 -11.48 4.92
CA SER A 280 17.24 -10.22 4.18
C SER A 280 17.70 -10.37 2.70
N SER A 281 17.79 -11.61 2.19
CA SER A 281 18.16 -11.83 0.78
C SER A 281 16.99 -11.68 -0.20
N THR A 282 15.76 -11.91 0.30
CA THR A 282 14.55 -11.68 -0.48
C THR A 282 13.42 -11.48 0.49
N ASP A 283 12.38 -10.76 0.05
CA ASP A 283 11.11 -10.72 0.80
C ASP A 283 9.98 -11.39 0.06
N ASN A 284 10.25 -12.17 -0.99
CA ASN A 284 9.16 -12.94 -1.62
C ASN A 284 8.63 -14.04 -0.66
N GLY A 285 7.42 -14.51 -1.03
CA GLY A 285 6.70 -15.46 -0.17
C GLY A 285 5.24 -15.50 -0.53
N LYS A 286 4.45 -16.19 0.28
CA LYS A 286 3.00 -16.36 0.01
C LYS A 286 2.28 -16.47 1.38
N ILE A 287 1.03 -15.99 1.42
CA ILE A 287 0.23 -16.03 2.65
C ILE A 287 -1.10 -16.63 2.24
N ASP A 288 -1.48 -17.71 2.91
CA ASP A 288 -2.73 -18.44 2.60
C ASP A 288 -3.68 -18.40 3.79
N TYR A 289 -4.92 -17.98 3.51
CA TYR A 289 -5.96 -17.93 4.56
C TYR A 289 -7.05 -18.96 4.33
N THR A 290 -7.54 -19.51 5.42
CA THR A 290 -8.73 -20.38 5.27
C THR A 290 -9.74 -20.07 6.38
N LEU A 291 -11.02 -20.23 6.06
CA LEU A 291 -12.09 -20.02 7.01
C LEU A 291 -12.98 -21.26 6.90
N ASP A 292 -12.92 -22.10 7.93
CA ASP A 292 -13.72 -23.34 7.94
C ASP A 292 -15.00 -23.12 8.69
N THR A 293 -16.10 -23.25 7.91
CA THR A 293 -17.43 -22.96 8.47
C THR A 293 -18.34 -24.20 8.44
N ASP A 294 -19.58 -24.02 8.91
CA ASP A 294 -20.52 -25.17 9.03
C ASP A 294 -20.40 -26.16 7.86
N LYS A 295 -20.60 -25.66 6.59
CA LYS A 295 -20.71 -26.53 5.43
C LYS A 295 -19.76 -26.23 4.31
N THR A 296 -18.90 -25.22 4.48
CA THR A 296 -17.99 -24.77 3.44
C THR A 296 -16.64 -24.34 4.08
N LYS A 297 -15.55 -24.72 3.41
CA LYS A 297 -14.24 -24.15 3.72
C LYS A 297 -13.90 -23.15 2.63
N TYR A 298 -13.66 -21.91 3.07
CA TYR A 298 -13.26 -20.83 2.13
C TYR A 298 -11.74 -20.62 2.18
N SER A 299 -11.19 -20.18 1.07
CA SER A 299 -9.74 -19.93 0.92
C SER A 299 -9.44 -18.71 0.21
N TRP A 300 -8.41 -17.95 0.60
CA TRP A 300 -7.94 -16.78 -0.15
C TRP A 300 -6.44 -16.75 0.01
N SER A 301 -5.78 -16.28 -1.01
CA SER A 301 -4.33 -16.27 -1.02
C SER A 301 -3.74 -14.96 -1.49
N ASN A 302 -2.53 -14.67 -1.01
CA ASN A 302 -1.81 -13.47 -1.33
C ASN A 302 -0.41 -13.78 -1.70
N SER A 303 0.04 -13.19 -2.81
CA SER A 303 1.43 -13.41 -3.33
C SER A 303 2.03 -12.10 -3.76
N TYR A 304 3.33 -12.15 -4.01
CA TYR A 304 4.12 -10.92 -4.20
C TYR A 304 5.09 -11.06 -5.39
N SER A 305 5.46 -9.90 -5.95
CA SER A 305 6.61 -9.94 -6.89
C SER A 305 7.29 -8.60 -6.80
N ASN A 306 8.63 -8.60 -6.88
CA ASN A 306 9.38 -7.38 -7.00
C ASN A 306 9.63 -7.12 -8.46
N VAL A 307 9.38 -5.84 -8.86
CA VAL A 307 9.63 -5.42 -10.23
C VAL A 307 10.50 -4.22 -10.16
N ASN A 308 11.75 -4.36 -10.62
CA ASN A 308 12.70 -3.18 -10.67
C ASN A 308 12.63 -2.33 -9.42
N GLY A 309 12.64 -3.07 -8.32
CA GLY A 309 12.69 -2.50 -7.01
C GLY A 309 11.43 -1.93 -6.38
N SER A 310 10.29 -2.14 -7.00
CA SER A 310 8.98 -1.84 -6.42
C SER A 310 8.30 -3.16 -6.04
N SER A 311 7.51 -3.10 -4.97
CA SER A 311 6.79 -4.21 -4.43
C SER A 311 5.37 -4.19 -5.06
N THR A 312 5.00 -5.37 -5.62
CA THR A 312 3.67 -5.58 -6.18
C THR A 312 3.05 -6.75 -5.45
N ALA A 313 1.72 -6.80 -5.46
CA ALA A 313 0.98 -7.79 -4.64
C ALA A 313 -0.21 -8.26 -5.40
N ASN A 314 -0.51 -9.55 -5.31
CA ASN A 314 -1.70 -10.07 -5.92
C ASN A 314 -2.49 -10.97 -5.01
N GLY A 315 -3.80 -10.71 -4.85
CA GLY A 315 -4.68 -11.55 -4.05
C GLY A 315 -5.66 -12.26 -4.98
N ASP A 316 -6.07 -13.47 -4.57
CA ASP A 316 -6.96 -14.31 -5.37
C ASP A 316 -7.60 -15.37 -4.49
N GLN A 317 -8.81 -15.79 -4.85
CA GLN A 317 -9.40 -17.01 -4.26
C GLN A 317 -8.63 -18.22 -4.76
CA CA B . -1.47 8.86 -17.67
C1 GOL C . 2.31 7.83 2.61
O1 GOL C . 1.08 8.59 2.52
C2 GOL C . 2.31 6.90 3.78
O2 GOL C . 1.17 6.05 3.67
C3 GOL C . 3.62 6.24 3.73
O3 GOL C . 4.47 6.27 4.84
C1 GOL D . -11.02 -6.73 -10.67
O1 GOL D . -12.39 -6.48 -10.46
C2 GOL D . -10.42 -6.91 -9.32
O2 GOL D . -10.76 -8.23 -8.86
C3 GOL D . -8.95 -6.70 -9.39
O3 GOL D . -8.21 -7.35 -8.38
#